data_1RED
#
_entry.id   1RED
#
_cell.length_a   81.940
_cell.length_b   60.960
_cell.length_c   38.040
_cell.angle_alpha   90.00
_cell.angle_beta   94.03
_cell.angle_gamma   90.00
#
_symmetry.space_group_name_H-M   'P 1 21 1'
#
loop_
_entity.id
_entity.type
_entity.pdbx_description
1 polymer 'ENDO-1,4-BETA-XYLANASE II'
2 non-polymer '3-[(2R)-oxiran-2-yl]propyl beta-D-xylopyranoside'
3 non-polymer 'BENZOIC ACID'
4 water water
#
_entity_poly.entity_id   1
_entity_poly.type   'polypeptide(L)'
_entity_poly.pdbx_seq_one_letter_code
;(PCA)TIQPGTGYNNGYFYSYWNDGHGGVTYTNGPGGQFSVNWSNSGNFVGGKGWQPGTKNKVINFSGSYNPNGNSYLSV
YGWSRNPLIEYYIVENFGTYNPSTGATKLGEVTSDGSVYDIYRTQRVNQPSIIGTATFYQYWSVRRNHRSSGSVNTANHF
NAWAQQGLTLGTMDYQIVAVEGYFSSGSASITVS
;
_entity_poly.pdbx_strand_id   A,B
#
# COMPACT_ATOMS: atom_id res chain seq x y z
N THR A 2 3.73 12.24 -7.07
CA THR A 2 2.33 12.00 -6.71
C THR A 2 2.21 10.49 -6.52
N ILE A 3 1.70 10.08 -5.37
CA ILE A 3 1.58 8.66 -5.06
C ILE A 3 0.21 8.22 -4.55
N GLN A 4 0.01 6.90 -4.55
CA GLN A 4 -1.20 6.29 -4.03
C GLN A 4 -0.94 6.13 -2.53
N PRO A 5 -1.98 5.86 -1.73
CA PRO A 5 -1.80 5.70 -0.28
C PRO A 5 -0.67 4.74 0.10
N GLY A 6 0.14 5.16 1.06
CA GLY A 6 1.25 4.34 1.53
C GLY A 6 2.11 5.11 2.51
N THR A 7 3.18 4.47 2.97
CA THR A 7 4.11 5.12 3.90
C THR A 7 5.54 4.78 3.46
N GLY A 8 6.50 5.52 3.99
CA GLY A 8 7.89 5.29 3.65
C GLY A 8 8.71 6.53 3.96
N TYR A 9 9.89 6.61 3.35
CA TYR A 9 10.77 7.76 3.56
C TYR A 9 11.01 8.44 2.22
N ASN A 10 10.95 9.75 2.24
CA ASN A 10 11.14 10.55 1.05
C ASN A 10 12.02 11.75 1.36
N ASN A 11 13.16 11.82 0.69
CA ASN A 11 14.11 12.92 0.85
C ASN A 11 14.55 13.17 2.29
N GLY A 12 14.60 12.10 3.08
CA GLY A 12 15.03 12.20 4.47
C GLY A 12 13.94 12.16 5.51
N TYR A 13 12.69 12.28 5.07
CA TYR A 13 11.56 12.30 6.00
C TYR A 13 10.55 11.20 5.80
N PHE A 14 10.00 10.71 6.91
CA PHE A 14 8.98 9.69 6.87
C PHE A 14 7.71 10.36 6.35
N TYR A 15 6.93 9.64 5.57
CA TYR A 15 5.67 10.17 5.08
C TYR A 15 4.62 9.10 5.26
N SER A 16 3.36 9.53 5.28
CA SER A 16 2.24 8.63 5.42
C SER A 16 1.08 9.29 4.69
N TYR A 17 0.46 8.55 3.79
CA TYR A 17 -0.68 9.04 3.04
C TYR A 17 -1.75 7.98 3.04
N TRP A 18 -2.94 8.36 3.49
CA TRP A 18 -4.07 7.45 3.56
C TRP A 18 -5.35 8.15 3.13
N ASN A 19 -6.25 7.39 2.52
CA ASN A 19 -7.56 7.91 2.13
C ASN A 19 -8.56 6.77 2.18
N ASP A 20 -9.83 7.13 2.35
CA ASP A 20 -10.92 6.15 2.44
C ASP A 20 -11.35 5.51 1.12
N GLY A 21 -10.75 5.93 0.02
CA GLY A 21 -11.10 5.37 -1.28
C GLY A 21 -12.18 6.13 -2.02
N HIS A 22 -12.69 7.19 -1.40
CA HIS A 22 -13.74 8.01 -1.99
C HIS A 22 -13.27 8.74 -3.25
N GLY A 23 -12.00 9.11 -3.29
CA GLY A 23 -11.47 9.81 -4.44
C GLY A 23 -11.57 11.32 -4.30
N GLY A 24 -10.87 12.03 -5.18
CA GLY A 24 -10.89 13.48 -5.14
C GLY A 24 -9.70 14.09 -4.40
N VAL A 25 -8.71 13.26 -4.08
CA VAL A 25 -7.51 13.74 -3.38
C VAL A 25 -6.24 13.37 -4.14
N THR A 26 -5.29 14.30 -4.16
CA THR A 26 -4.01 14.09 -4.83
C THR A 26 -2.89 14.51 -3.89
N TYR A 27 -2.08 13.53 -3.51
CA TYR A 27 -0.96 13.75 -2.60
C TYR A 27 0.35 13.64 -3.39
N THR A 28 1.25 14.60 -3.18
CA THR A 28 2.53 14.61 -3.87
C THR A 28 3.69 14.86 -2.92
N ASN A 29 4.68 13.96 -2.94
CA ASN A 29 5.87 14.15 -2.11
C ASN A 29 6.79 15.15 -2.83
N GLY A 30 7.20 16.20 -2.12
CA GLY A 30 8.05 17.21 -2.71
C GLY A 30 9.47 17.17 -2.17
N PRO A 31 10.32 18.13 -2.55
CA PRO A 31 11.71 18.16 -2.10
C PRO A 31 11.84 18.39 -0.58
N GLY A 32 12.88 17.81 0.01
CA GLY A 32 13.11 17.96 1.43
C GLY A 32 11.92 17.44 2.24
N GLY A 33 11.45 18.25 3.18
CA GLY A 33 10.31 17.85 3.99
C GLY A 33 9.00 18.41 3.47
N GLN A 34 8.94 18.64 2.16
CA GLN A 34 7.73 19.21 1.56
C GLN A 34 6.79 18.17 0.97
N PHE A 35 5.50 18.45 1.08
CA PHE A 35 4.45 17.62 0.52
C PHE A 35 3.32 18.58 0.13
N SER A 36 2.53 18.18 -0.87
CA SER A 36 1.42 18.99 -1.35
C SER A 36 0.18 18.12 -1.43
N VAL A 37 -0.95 18.71 -1.08
CA VAL A 37 -2.23 18.01 -1.12
C VAL A 37 -3.23 18.92 -1.81
N ASN A 38 -3.89 18.39 -2.82
CA ASN A 38 -4.92 19.14 -3.54
C ASN A 38 -6.12 18.22 -3.58
N TRP A 39 -7.24 18.68 -3.04
CA TRP A 39 -8.43 17.86 -3.02
C TRP A 39 -9.69 18.62 -3.46
N SER A 40 -10.65 17.87 -3.97
CA SER A 40 -11.90 18.44 -4.46
C SER A 40 -13.00 17.42 -4.28
N ASN A 41 -13.96 17.74 -3.40
CA ASN A 41 -15.09 16.86 -3.11
C ASN A 41 -14.57 15.49 -2.73
N SER A 42 -13.66 15.49 -1.77
CA SER A 42 -13.01 14.29 -1.27
C SER A 42 -13.85 13.51 -0.28
N GLY A 43 -13.20 12.52 0.32
CA GLY A 43 -13.81 11.72 1.36
C GLY A 43 -12.93 12.10 2.54
N ASN A 44 -12.55 11.13 3.35
CA ASN A 44 -11.68 11.38 4.49
C ASN A 44 -10.27 10.95 4.09
N PHE A 45 -9.28 11.79 4.39
CA PHE A 45 -7.89 11.47 4.07
C PHE A 45 -6.92 12.14 5.04
N VAL A 46 -5.72 11.58 5.15
CA VAL A 46 -4.68 12.11 6.02
C VAL A 46 -3.35 11.94 5.28
N GLY A 47 -2.57 13.02 5.19
CA GLY A 47 -1.29 12.94 4.51
C GLY A 47 -0.29 13.93 5.08
N GLY A 48 0.97 13.49 5.20
CA GLY A 48 1.98 14.38 5.73
C GLY A 48 3.37 13.78 5.90
N LYS A 49 4.32 14.63 6.26
CA LYS A 49 5.70 14.21 6.46
C LYS A 49 6.16 14.46 7.88
N GLY A 50 7.15 13.70 8.31
CA GLY A 50 7.67 13.83 9.65
C GLY A 50 8.75 12.83 10.00
N TRP A 51 8.56 12.12 11.09
CA TRP A 51 9.53 11.15 11.58
C TRP A 51 8.94 9.82 12.00
N GLN A 52 9.76 8.79 11.96
CA GLN A 52 9.37 7.45 12.37
C GLN A 52 10.62 6.74 12.91
N PRO A 53 10.75 6.64 14.25
CA PRO A 53 9.81 7.15 15.26
C PRO A 53 9.99 8.61 15.66
N GLY A 54 8.98 9.15 16.33
CA GLY A 54 9.02 10.52 16.80
C GLY A 54 9.61 10.52 18.21
N THR A 55 9.71 11.69 18.82
CA THR A 55 10.26 11.81 20.17
C THR A 55 9.33 12.65 21.03
N LYS A 56 9.60 12.68 22.34
CA LYS A 56 8.78 13.43 23.27
C LYS A 56 9.22 14.86 23.51
N ASN A 57 10.25 15.31 22.80
CA ASN A 57 10.72 16.68 22.97
C ASN A 57 11.20 17.28 21.65
N LYS A 58 10.60 16.83 20.56
CA LYS A 58 10.95 17.34 19.24
C LYS A 58 10.30 18.70 19.05
N VAL A 59 11.05 19.59 18.43
CA VAL A 59 10.57 20.94 18.12
C VAL A 59 10.37 20.88 16.62
N ILE A 60 9.11 20.86 16.20
CA ILE A 60 8.78 20.75 14.78
C ILE A 60 8.51 22.08 14.12
N ASN A 61 9.16 22.31 12.98
CA ASN A 61 8.98 23.54 12.21
C ASN A 61 8.19 23.22 10.96
N PHE A 62 7.27 24.11 10.61
CA PHE A 62 6.47 23.93 9.41
C PHE A 62 6.19 25.29 8.81
N SER A 63 6.14 25.34 7.49
CA SER A 63 5.86 26.58 6.79
C SER A 63 5.23 26.22 5.47
N GLY A 64 4.43 27.14 4.93
CA GLY A 64 3.79 26.88 3.66
C GLY A 64 2.42 27.48 3.59
N SER A 65 1.63 27.03 2.63
CA SER A 65 0.29 27.54 2.45
C SER A 65 -0.75 26.47 2.72
N TYR A 66 -1.74 26.85 3.53
CA TYR A 66 -2.82 25.96 3.89
C TYR A 66 -4.11 26.69 3.53
N ASN A 67 -4.82 26.15 2.54
CA ASN A 67 -6.05 26.78 2.08
C ASN A 67 -7.21 25.81 2.02
N PRO A 68 -7.83 25.53 3.18
CA PRO A 68 -8.96 24.59 3.22
C PRO A 68 -10.23 25.29 2.72
N ASN A 69 -11.09 24.50 2.09
CA ASN A 69 -12.35 25.00 1.58
C ASN A 69 -13.36 24.03 2.18
N GLY A 70 -13.56 24.14 3.48
CA GLY A 70 -14.46 23.28 4.20
C GLY A 70 -13.81 22.65 5.41
N ASN A 71 -14.25 21.43 5.74
CA ASN A 71 -13.77 20.66 6.89
C ASN A 71 -12.39 20.04 6.63
N SER A 72 -11.39 20.57 7.34
CA SER A 72 -10.02 20.10 7.22
C SER A 72 -9.22 20.59 8.44
N TYR A 73 -8.12 19.90 8.77
CA TYR A 73 -7.26 20.30 9.89
C TYR A 73 -5.81 20.26 9.42
N LEU A 74 -4.97 21.03 10.09
CA LEU A 74 -3.53 21.07 9.84
C LEU A 74 -2.97 20.88 11.22
N SER A 75 -2.17 19.85 11.44
CA SER A 75 -1.65 19.61 12.78
C SER A 75 -0.49 18.63 12.91
N VAL A 76 0.08 18.59 14.12
CA VAL A 76 1.13 17.64 14.45
C VAL A 76 0.30 16.43 14.90
N TYR A 77 0.43 15.34 14.16
CA TYR A 77 -0.35 14.14 14.40
C TYR A 77 0.55 12.93 14.62
N GLY A 78 0.15 12.06 15.53
CA GLY A 78 0.96 10.89 15.80
C GLY A 78 0.31 9.87 16.69
N TRP A 79 1.07 8.82 16.99
CA TRP A 79 0.60 7.73 17.82
C TRP A 79 1.60 7.34 18.88
N SER A 80 1.09 6.67 19.90
CA SER A 80 1.89 6.17 21.01
C SER A 80 1.43 4.74 21.22
N ARG A 81 2.31 3.91 21.79
CA ARG A 81 2.00 2.52 22.10
C ARG A 81 2.31 2.34 23.57
N ASN A 82 1.49 1.55 24.25
CA ASN A 82 1.65 1.25 25.68
C ASN A 82 1.86 2.49 26.52
N PRO A 83 0.82 3.31 26.69
CA PRO A 83 -0.54 3.15 26.15
C PRO A 83 -0.76 3.56 24.69
N LEU A 84 -1.76 2.95 24.06
CA LEU A 84 -2.10 3.24 22.68
C LEU A 84 -2.88 4.56 22.67
N ILE A 85 -2.27 5.59 22.10
CA ILE A 85 -2.89 6.91 22.02
C ILE A 85 -2.70 7.52 20.65
N GLU A 86 -3.76 8.16 20.14
CA GLU A 86 -3.70 8.86 18.86
C GLU A 86 -3.79 10.33 19.29
N TYR A 87 -2.85 11.16 18.86
CA TYR A 87 -2.88 12.56 19.27
C TYR A 87 -2.82 13.60 18.16
N TYR A 88 -3.34 14.77 18.47
CA TYR A 88 -3.39 15.89 17.54
C TYR A 88 -3.01 17.20 18.25
N ILE A 89 -2.15 17.98 17.62
CA ILE A 89 -1.77 19.31 18.10
C ILE A 89 -2.20 20.17 16.92
N VAL A 90 -3.47 20.57 16.92
CA VAL A 90 -4.07 21.35 15.83
C VAL A 90 -3.66 22.81 15.76
N GLU A 91 -3.05 23.17 14.63
CA GLU A 91 -2.56 24.53 14.38
C GLU A 91 -3.52 25.40 13.60
N ASN A 92 -4.33 24.76 12.74
CA ASN A 92 -5.28 25.48 11.91
C ASN A 92 -6.34 24.48 11.47
N PHE A 93 -7.54 24.99 11.19
CA PHE A 93 -8.62 24.14 10.71
C PHE A 93 -9.60 24.95 9.87
N GLY A 94 -10.47 24.24 9.16
CA GLY A 94 -11.44 24.90 8.30
C GLY A 94 -12.73 25.30 8.99
N THR A 95 -13.83 24.75 8.49
CA THR A 95 -15.16 25.07 9.01
C THR A 95 -15.62 24.28 10.24
N TYR A 96 -14.83 23.29 10.65
CA TYR A 96 -15.23 22.48 11.80
C TYR A 96 -14.14 22.32 12.83
N ASN A 97 -14.47 22.63 14.09
CA ASN A 97 -13.52 22.50 15.18
C ASN A 97 -13.55 21.02 15.58
N PRO A 98 -12.42 20.32 15.39
CA PRO A 98 -12.28 18.89 15.70
C PRO A 98 -12.51 18.51 17.17
N SER A 99 -12.51 19.51 18.05
CA SER A 99 -12.73 19.25 19.48
C SER A 99 -14.21 19.25 19.82
N THR A 100 -15.06 19.50 18.81
CA THR A 100 -16.50 19.51 19.01
C THR A 100 -16.97 18.16 19.58
N GLY A 101 -17.57 18.21 20.77
CA GLY A 101 -18.06 17.00 21.42
C GLY A 101 -17.04 16.27 22.27
N ALA A 102 -15.84 16.82 22.37
CA ALA A 102 -14.77 16.23 23.17
C ALA A 102 -14.89 16.77 24.59
N THR A 103 -14.09 16.21 25.50
CA THR A 103 -14.11 16.64 26.89
C THR A 103 -12.89 17.51 27.18
N LYS A 104 -13.13 18.78 27.53
CA LYS A 104 -12.02 19.69 27.83
C LYS A 104 -11.39 19.39 29.18
N LEU A 105 -10.08 19.16 29.16
CA LEU A 105 -9.32 18.84 30.37
C LEU A 105 -8.58 20.06 30.92
N GLY A 106 -8.28 21.02 30.05
CA GLY A 106 -7.56 22.20 30.49
C GLY A 106 -7.02 23.04 29.35
N GLU A 107 -6.01 23.85 29.66
CA GLU A 107 -5.38 24.74 28.68
C GLU A 107 -3.87 24.74 28.85
N VAL A 108 -3.15 25.11 27.80
CA VAL A 108 -1.70 25.16 27.84
C VAL A 108 -1.18 26.24 26.89
N THR A 109 -0.22 27.03 27.36
CA THR A 109 0.36 28.08 26.53
C THR A 109 1.63 27.57 25.87
N SER A 110 1.65 27.59 24.54
CA SER A 110 2.82 27.14 23.81
C SER A 110 2.98 27.84 22.47
N ASP A 111 4.22 28.26 22.20
CA ASP A 111 4.56 28.91 20.95
C ASP A 111 3.65 30.05 20.48
N GLY A 112 3.45 31.03 21.36
CA GLY A 112 2.64 32.19 21.03
C GLY A 112 1.14 32.11 21.10
N SER A 113 0.60 31.06 21.71
CA SER A 113 -0.85 30.94 21.81
C SER A 113 -1.27 29.93 22.87
N VAL A 114 -2.49 30.10 23.38
CA VAL A 114 -3.05 29.19 24.36
C VAL A 114 -3.77 28.11 23.54
N TYR A 115 -3.67 26.87 24.02
CA TYR A 115 -4.30 25.72 23.39
C TYR A 115 -5.28 25.13 24.37
N ASP A 116 -6.41 24.64 23.86
CA ASP A 116 -7.39 24.00 24.73
C ASP A 116 -7.15 22.51 24.59
N ILE A 117 -7.05 21.82 25.72
CA ILE A 117 -6.80 20.38 25.77
C ILE A 117 -8.09 19.57 25.90
N TYR A 118 -8.22 18.52 25.11
CA TYR A 118 -9.40 17.67 25.14
C TYR A 118 -8.99 16.22 25.05
N ARG A 119 -9.96 15.34 25.27
CA ARG A 119 -9.75 13.91 25.19
C ARG A 119 -11.05 13.23 24.80
N THR A 120 -10.95 12.18 23.99
CA THR A 120 -12.10 11.42 23.54
C THR A 120 -11.68 9.96 23.49
N GLN A 121 -12.63 9.04 23.55
CA GLN A 121 -12.28 7.63 23.46
C GLN A 121 -12.88 7.00 22.21
N ARG A 122 -12.03 6.35 21.44
CA ARG A 122 -12.47 5.66 20.23
C ARG A 122 -12.53 4.18 20.57
N VAL A 123 -13.73 3.60 20.49
CA VAL A 123 -13.91 2.18 20.80
C VAL A 123 -13.97 1.33 19.54
N ASN A 124 -13.18 0.26 19.52
CA ASN A 124 -13.11 -0.65 18.39
C ASN A 124 -12.93 0.03 17.04
N GLN A 125 -11.97 0.94 16.99
CA GLN A 125 -11.66 1.67 15.76
C GLN A 125 -10.30 1.21 15.27
N PRO A 126 -10.03 1.37 13.97
CA PRO A 126 -8.73 0.95 13.45
C PRO A 126 -7.61 1.81 14.03
N SER A 127 -6.46 1.19 14.25
CA SER A 127 -5.32 1.91 14.80
C SER A 127 -4.05 1.31 14.21
N ILE A 128 -2.91 1.82 14.64
CA ILE A 128 -1.62 1.34 14.18
C ILE A 128 -1.38 -0.13 14.56
N ILE A 129 -2.21 -0.65 15.45
CA ILE A 129 -2.09 -2.04 15.88
C ILE A 129 -3.33 -2.87 15.53
N GLY A 130 -4.22 -2.28 14.73
CA GLY A 130 -5.44 -2.96 14.32
C GLY A 130 -6.66 -2.45 15.07
N THR A 131 -7.78 -3.15 14.96
CA THR A 131 -9.00 -2.74 15.65
C THR A 131 -8.78 -2.76 17.17
N ALA A 132 -8.84 -1.58 17.77
CA ALA A 132 -8.61 -1.46 19.20
C ALA A 132 -9.40 -0.31 19.81
N THR A 133 -9.33 -0.18 21.13
CA THR A 133 -10.00 0.87 21.85
C THR A 133 -8.92 1.71 22.50
N PHE A 134 -8.92 3.00 22.20
CA PHE A 134 -7.89 3.91 22.71
C PHE A 134 -8.41 5.32 22.93
N TYR A 135 -7.59 6.12 23.60
CA TYR A 135 -7.92 7.52 23.84
C TYR A 135 -7.31 8.35 22.73
N GLN A 136 -7.93 9.50 22.51
CA GLN A 136 -7.52 10.43 21.48
C GLN A 136 -7.29 11.76 22.19
N TYR A 137 -6.05 12.24 22.19
CA TYR A 137 -5.72 13.49 22.85
C TYR A 137 -5.64 14.65 21.86
N TRP A 138 -6.15 15.80 22.27
CA TRP A 138 -6.16 16.97 21.41
C TRP A 138 -5.62 18.22 22.07
N SER A 139 -4.95 19.05 21.27
CA SER A 139 -4.42 20.34 21.70
C SER A 139 -4.84 21.21 20.54
N VAL A 140 -5.85 22.07 20.76
CA VAL A 140 -6.35 22.95 19.71
C VAL A 140 -5.93 24.40 19.89
N ARG A 141 -5.13 24.90 18.95
CA ARG A 141 -4.61 26.26 19.00
C ARG A 141 -5.70 27.32 18.78
N ARG A 142 -5.76 28.30 19.68
CA ARG A 142 -6.74 29.37 19.57
C ARG A 142 -6.44 30.34 18.43
N ASN A 143 -5.16 30.67 18.25
CA ASN A 143 -4.74 31.58 17.19
C ASN A 143 -4.20 30.77 16.03
N HIS A 144 -5.02 30.57 15.00
CA HIS A 144 -4.63 29.77 13.84
C HIS A 144 -3.46 30.34 13.05
N ARG A 145 -2.66 29.45 12.50
CA ARG A 145 -1.48 29.81 11.69
C ARG A 145 -1.14 28.65 10.76
N SER A 146 -0.33 28.94 9.75
CA SER A 146 0.08 27.93 8.78
C SER A 146 1.59 27.80 8.73
N SER A 147 2.27 28.56 9.60
CA SER A 147 3.72 28.55 9.67
C SER A 147 4.10 28.78 11.13
N GLY A 148 5.15 28.11 11.59
CA GLY A 148 5.58 28.28 12.95
C GLY A 148 6.43 27.15 13.46
N SER A 149 6.59 27.11 14.78
CA SER A 149 7.38 26.10 15.43
C SER A 149 6.53 25.54 16.57
N VAL A 150 6.49 24.22 16.67
CA VAL A 150 5.74 23.53 17.71
C VAL A 150 6.66 22.75 18.63
N ASN A 151 6.69 23.15 19.90
CA ASN A 151 7.50 22.49 20.92
C ASN A 151 6.60 21.42 21.53
N THR A 152 6.70 20.20 20.99
CA THR A 152 5.87 19.08 21.45
C THR A 152 5.96 18.79 22.94
N ALA A 153 7.12 19.00 23.55
CA ALA A 153 7.28 18.76 24.97
C ALA A 153 6.26 19.51 25.82
N ASN A 154 5.96 20.75 25.44
CA ASN A 154 5.00 21.56 26.18
C ASN A 154 3.62 20.92 26.23
N HIS A 155 3.23 20.29 25.13
CA HIS A 155 1.94 19.64 25.06
C HIS A 155 1.94 18.32 25.82
N PHE A 156 2.96 17.50 25.60
CA PHE A 156 3.07 16.22 26.28
C PHE A 156 3.13 16.38 27.80
N ASN A 157 3.81 17.43 28.27
CA ASN A 157 3.91 17.71 29.70
C ASN A 157 2.56 18.13 30.25
N ALA A 158 1.85 18.96 29.49
CA ALA A 158 0.53 19.43 29.90
C ALA A 158 -0.45 18.25 29.95
N TRP A 159 -0.38 17.36 28.95
CA TRP A 159 -1.24 16.19 28.90
C TRP A 159 -0.93 15.23 30.06
N ALA A 160 0.35 15.10 30.39
CA ALA A 160 0.80 14.24 31.47
C ALA A 160 0.26 14.74 32.81
N GLN A 161 0.29 16.06 33.00
CA GLN A 161 -0.21 16.67 34.23
C GLN A 161 -1.72 16.47 34.36
N GLN A 162 -2.36 16.06 33.26
CA GLN A 162 -3.79 15.83 33.23
C GLN A 162 -4.15 14.34 33.26
N GLY A 163 -3.13 13.49 33.38
CA GLY A 163 -3.39 12.06 33.42
C GLY A 163 -3.01 11.25 32.19
N LEU A 164 -2.24 11.83 31.28
CA LEU A 164 -1.81 11.07 30.11
C LEU A 164 -0.40 10.57 30.36
N THR A 165 -0.15 9.31 30.03
CA THR A 165 1.17 8.73 30.24
C THR A 165 1.72 8.14 28.94
N LEU A 166 2.11 9.00 28.00
CA LEU A 166 2.65 8.54 26.72
C LEU A 166 3.74 7.48 26.90
N GLY A 167 3.68 6.43 26.09
CA GLY A 167 4.66 5.36 26.18
C GLY A 167 5.71 5.43 25.09
N THR A 168 5.63 4.47 24.17
CA THR A 168 6.57 4.40 23.06
C THR A 168 6.01 5.17 21.88
N MET A 169 6.75 6.19 21.44
CA MET A 169 6.34 7.02 20.32
C MET A 169 6.51 6.31 18.99
N ASP A 170 5.44 6.30 18.20
CA ASP A 170 5.46 5.70 16.88
C ASP A 170 5.68 6.88 15.92
N TYR A 171 5.01 6.95 14.77
CA TYR A 171 5.26 8.07 13.88
C TYR A 171 4.75 9.40 14.41
N GLN A 172 5.37 10.47 13.93
CA GLN A 172 5.06 11.83 14.33
C GLN A 172 5.22 12.67 13.07
N ILE A 173 4.11 13.22 12.58
CA ILE A 173 4.15 14.00 11.34
C ILE A 173 3.34 15.28 11.39
N VAL A 174 3.57 16.16 10.42
CA VAL A 174 2.77 17.37 10.29
C VAL A 174 1.83 16.95 9.16
N ALA A 175 0.55 16.85 9.48
CA ALA A 175 -0.41 16.38 8.50
C ALA A 175 -1.60 17.27 8.22
N VAL A 176 -2.13 17.09 7.01
CA VAL A 176 -3.31 17.79 6.55
C VAL A 176 -4.36 16.68 6.47
N GLU A 177 -5.48 16.88 7.15
CA GLU A 177 -6.55 15.90 7.11
C GLU A 177 -7.76 16.60 6.52
N GLY A 178 -8.43 15.93 5.59
CA GLY A 178 -9.62 16.51 4.98
C GLY A 178 -10.81 15.61 5.23
N TYR A 179 -11.99 16.20 5.31
CA TYR A 179 -13.20 15.42 5.53
C TYR A 179 -14.32 15.90 4.62
N PHE A 180 -14.48 15.22 3.49
CA PHE A 180 -15.50 15.53 2.50
C PHE A 180 -15.55 17.00 2.16
N SER A 181 -14.40 17.54 1.79
CA SER A 181 -14.29 18.94 1.46
C SER A 181 -13.37 19.14 0.27
N SER A 182 -12.87 20.37 0.13
CA SER A 182 -11.97 20.73 -0.96
C SER A 182 -10.88 21.62 -0.38
N GLY A 183 -9.80 21.78 -1.11
CA GLY A 183 -8.73 22.64 -0.64
C GLY A 183 -7.39 22.32 -1.27
N SER A 184 -6.37 23.00 -0.80
CA SER A 184 -5.01 22.80 -1.27
C SER A 184 -4.05 23.20 -0.16
N ALA A 185 -2.87 22.59 -0.15
CA ALA A 185 -1.85 22.87 0.85
C ALA A 185 -0.48 22.46 0.34
N SER A 186 0.55 23.18 0.79
CA SER A 186 1.93 22.88 0.46
C SER A 186 2.67 23.22 1.74
N ILE A 187 3.03 22.18 2.48
CA ILE A 187 3.71 22.35 3.75
C ILE A 187 5.11 21.77 3.71
N THR A 188 6.04 22.46 4.36
CA THR A 188 7.43 22.02 4.44
C THR A 188 7.76 21.82 5.92
N VAL A 189 8.13 20.58 6.25
CA VAL A 189 8.47 20.20 7.61
C VAL A 189 10.00 20.17 7.78
N SER A 190 10.47 20.52 8.99
CA SER A 190 11.89 20.48 9.30
C SER A 190 12.12 20.40 10.80
N THR B 2 -2.04 -35.85 -16.09
CA THR B 2 -0.68 -35.37 -16.25
C THR B 2 -0.45 -35.15 -17.73
N ILE B 3 -0.03 -33.95 -18.10
CA ILE B 3 0.16 -33.62 -19.50
C ILE B 3 1.50 -32.95 -19.80
N GLN B 4 1.77 -32.82 -21.10
CA GLN B 4 2.96 -32.16 -21.60
C GLN B 4 2.53 -30.72 -21.86
N PRO B 5 3.48 -29.80 -22.09
CA PRO B 5 3.07 -28.42 -22.34
C PRO B 5 1.99 -28.24 -23.42
N GLY B 6 1.12 -27.27 -23.17
CA GLY B 6 0.03 -26.98 -24.08
C GLY B 6 -1.00 -26.14 -23.37
N THR B 7 -2.05 -25.76 -24.10
CA THR B 7 -3.12 -24.96 -23.53
C THR B 7 -4.44 -25.60 -23.87
N GLY B 8 -5.50 -25.14 -23.22
CA GLY B 8 -6.81 -25.69 -23.48
C GLY B 8 -7.71 -25.42 -22.30
N TYR B 9 -8.80 -26.19 -22.23
CA TYR B 9 -9.77 -26.05 -21.15
C TYR B 9 -9.91 -27.38 -20.43
N ASN B 10 -10.00 -27.31 -19.11
CA ASN B 10 -10.13 -28.48 -18.27
C ASN B 10 -11.06 -28.19 -17.11
N ASN B 11 -12.16 -28.94 -17.04
CA ASN B 11 -13.17 -28.81 -15.98
C ASN B 11 -13.76 -27.41 -15.84
N GLY B 12 -13.89 -26.73 -16.98
CA GLY B 12 -14.44 -25.39 -17.01
C GLY B 12 -13.46 -24.24 -17.07
N TYR B 13 -12.20 -24.49 -16.75
CA TYR B 13 -11.18 -23.44 -16.74
C TYR B 13 -10.12 -23.56 -17.82
N PHE B 14 -9.55 -22.43 -18.21
CA PHE B 14 -8.48 -22.42 -19.19
C PHE B 14 -7.19 -22.77 -18.45
N TYR B 15 -6.28 -23.47 -19.11
CA TYR B 15 -5.01 -23.81 -18.49
C TYR B 15 -3.90 -23.60 -19.50
N SER B 16 -2.72 -23.34 -18.99
CA SER B 16 -1.54 -23.14 -19.81
C SER B 16 -0.36 -23.71 -19.08
N TYR B 17 0.36 -24.61 -19.76
CA TYR B 17 1.55 -25.22 -19.20
C TYR B 17 2.67 -25.08 -20.22
N TRP B 18 3.81 -24.57 -19.76
CA TRP B 18 4.98 -24.34 -20.60
C TRP B 18 6.26 -24.67 -19.84
N ASN B 19 7.24 -25.22 -20.54
CA ASN B 19 8.54 -25.51 -19.94
C ASN B 19 9.62 -25.31 -20.99
N ASP B 20 10.85 -25.10 -20.54
CA ASP B 20 11.97 -24.86 -21.44
C ASP B 20 12.51 -26.09 -22.18
N GLY B 21 12.08 -27.28 -21.78
CA GLY B 21 12.55 -28.50 -22.42
C GLY B 21 13.31 -29.38 -21.45
N HIS B 22 13.83 -28.75 -20.40
CA HIS B 22 14.57 -29.44 -19.35
C HIS B 22 13.56 -30.31 -18.60
N GLY B 23 14.00 -31.46 -18.11
CA GLY B 23 13.11 -32.34 -17.38
C GLY B 23 12.96 -31.99 -15.91
N GLY B 24 12.38 -32.91 -15.15
CA GLY B 24 12.19 -32.70 -13.73
C GLY B 24 10.89 -32.02 -13.31
N VAL B 25 9.96 -31.82 -14.24
CA VAL B 25 8.68 -31.18 -13.93
C VAL B 25 7.48 -32.06 -14.29
N THR B 26 6.52 -32.12 -13.38
CA THR B 26 5.31 -32.89 -13.60
C THR B 26 4.08 -32.02 -13.34
N TYR B 27 3.36 -31.69 -14.41
CA TYR B 27 2.15 -30.86 -14.30
C TYR B 27 0.91 -31.73 -14.47
N THR B 28 -0.03 -31.58 -13.54
CA THR B 28 -1.27 -32.37 -13.55
C THR B 28 -2.53 -31.53 -13.37
N ASN B 29 -3.45 -31.63 -14.31
CA ASN B 29 -4.72 -30.92 -14.20
C ASN B 29 -5.62 -31.74 -13.29
N GLY B 30 -6.17 -31.09 -12.26
CA GLY B 30 -7.04 -31.79 -11.31
C GLY B 30 -8.50 -31.41 -11.43
N PRO B 31 -9.34 -31.84 -10.49
CA PRO B 31 -10.77 -31.52 -10.50
C PRO B 31 -11.08 -30.03 -10.36
N GLY B 32 -12.13 -29.57 -11.03
CA GLY B 32 -12.52 -28.17 -10.94
C GLY B 32 -11.42 -27.23 -11.37
N GLY B 33 -11.14 -26.23 -10.55
CA GLY B 33 -10.09 -25.27 -10.88
C GLY B 33 -8.75 -25.59 -10.25
N GLN B 34 -8.52 -26.86 -9.93
CA GLN B 34 -7.28 -27.29 -9.30
C GLN B 34 -6.23 -27.81 -10.27
N PHE B 35 -4.96 -27.60 -9.92
CA PHE B 35 -3.84 -28.10 -10.70
C PHE B 35 -2.71 -28.38 -9.71
N SER B 36 -1.88 -29.36 -10.04
CA SER B 36 -0.76 -29.73 -9.20
C SER B 36 0.52 -29.77 -10.00
N VAL B 37 1.61 -29.35 -9.38
CA VAL B 37 2.91 -29.36 -10.02
C VAL B 37 3.90 -29.93 -9.01
N ASN B 38 4.66 -30.92 -9.46
CA ASN B 38 5.68 -31.54 -8.63
C ASN B 38 6.93 -31.47 -9.47
N TRP B 39 7.98 -30.88 -8.93
CA TRP B 39 9.22 -30.74 -9.67
C TRP B 39 10.47 -30.95 -8.83
N SER B 40 11.55 -31.38 -9.48
CA SER B 40 12.81 -31.61 -8.79
C SER B 40 13.93 -31.51 -9.81
N ASN B 41 14.86 -30.61 -9.52
CA ASN B 41 16.02 -30.37 -10.38
C ASN B 41 15.51 -30.09 -11.78
N SER B 42 14.52 -29.21 -11.83
CA SER B 42 13.86 -28.80 -13.06
C SER B 42 14.65 -27.72 -13.78
N GLY B 43 14.04 -27.21 -14.84
CA GLY B 43 14.61 -26.12 -15.60
C GLY B 43 13.63 -24.96 -15.34
N ASN B 44 13.32 -24.20 -16.37
CA ASN B 44 12.38 -23.09 -16.25
C ASN B 44 11.00 -23.55 -16.76
N PHE B 45 9.96 -23.38 -15.94
CA PHE B 45 8.60 -23.77 -16.32
C PHE B 45 7.55 -22.85 -15.71
N VAL B 46 6.36 -22.87 -16.29
CA VAL B 46 5.26 -22.06 -15.79
C VAL B 46 3.93 -22.75 -16.14
N GLY B 47 3.10 -22.99 -15.14
CA GLY B 47 1.82 -23.63 -15.38
C GLY B 47 0.74 -23.23 -14.40
N GLY B 48 -0.51 -23.25 -14.87
CA GLY B 48 -1.62 -22.88 -14.00
C GLY B 48 -2.98 -22.84 -14.67
N LYS B 49 -4.01 -22.56 -13.89
CA LYS B 49 -5.37 -22.47 -14.40
C LYS B 49 -5.94 -21.08 -14.23
N GLY B 50 -6.89 -20.74 -15.08
CA GLY B 50 -7.48 -19.42 -15.01
C GLY B 50 -8.50 -19.15 -16.09
N TRP B 51 -8.35 -18.00 -16.74
CA TRP B 51 -9.28 -17.57 -17.77
C TRP B 51 -8.62 -17.10 -19.07
N GLN B 52 -9.37 -17.21 -20.15
CA GLN B 52 -8.92 -16.80 -21.47
C GLN B 52 -10.17 -16.33 -22.21
N PRO B 53 -10.32 -15.01 -22.37
CA PRO B 53 -9.38 -13.98 -21.89
C PRO B 53 -9.64 -13.53 -20.47
N GLY B 54 -8.66 -12.84 -19.90
CA GLY B 54 -8.78 -12.32 -18.55
C GLY B 54 -9.45 -10.95 -18.64
N THR B 55 -9.71 -10.34 -17.51
CA THR B 55 -10.34 -9.03 -17.48
C THR B 55 -9.53 -8.10 -16.58
N LYS B 56 -9.73 -6.80 -16.76
CA LYS B 56 -9.01 -5.79 -15.99
C LYS B 56 -9.62 -5.51 -14.61
N ASN B 57 -10.62 -6.30 -14.23
CA ASN B 57 -11.27 -6.10 -12.93
C ASN B 57 -11.68 -7.40 -12.24
N LYS B 58 -11.08 -8.51 -12.64
CA LYS B 58 -11.41 -9.79 -12.05
C LYS B 58 -10.85 -9.97 -10.64
N VAL B 59 -11.66 -10.56 -9.77
CA VAL B 59 -11.25 -10.86 -8.41
C VAL B 59 -10.96 -12.35 -8.44
N ILE B 60 -9.68 -12.69 -8.30
CA ILE B 60 -9.22 -14.07 -8.35
C ILE B 60 -9.00 -14.69 -6.99
N ASN B 61 -9.64 -15.83 -6.76
CA ASN B 61 -9.51 -16.54 -5.51
C ASN B 61 -8.61 -17.75 -5.71
N PHE B 62 -7.75 -18.04 -4.74
CA PHE B 62 -6.87 -19.19 -4.84
C PHE B 62 -6.58 -19.75 -3.46
N SER B 63 -6.33 -21.05 -3.40
CA SER B 63 -6.03 -21.71 -2.14
C SER B 63 -5.32 -23.02 -2.43
N GLY B 64 -4.55 -23.48 -1.46
CA GLY B 64 -3.84 -24.73 -1.63
C GLY B 64 -2.54 -24.75 -0.87
N SER B 65 -1.63 -25.61 -1.30
CA SER B 65 -0.34 -25.72 -0.67
C SER B 65 0.74 -25.34 -1.66
N TYR B 66 1.69 -24.55 -1.18
CA TYR B 66 2.80 -24.09 -2.00
C TYR B 66 4.07 -24.36 -1.20
N ASN B 67 4.82 -25.38 -1.62
CA ASN B 67 6.04 -25.76 -0.92
C ASN B 67 7.24 -25.72 -1.85
N PRO B 68 7.77 -24.52 -2.13
CA PRO B 68 8.93 -24.39 -3.01
C PRO B 68 10.23 -24.77 -2.29
N ASN B 69 11.19 -25.27 -3.05
CA ASN B 69 12.48 -25.65 -2.52
C ASN B 69 13.49 -25.03 -3.47
N GLY B 70 13.62 -23.71 -3.37
CA GLY B 70 14.52 -22.98 -4.23
C GLY B 70 13.79 -21.84 -4.95
N ASN B 71 14.26 -21.50 -6.14
CA ASN B 71 13.68 -20.42 -6.94
C ASN B 71 12.35 -20.82 -7.57
N SER B 72 11.29 -20.15 -7.16
CA SER B 72 9.93 -20.41 -7.65
C SER B 72 8.97 -19.28 -7.25
N TYR B 73 7.93 -19.06 -8.05
CA TYR B 73 6.93 -18.01 -7.75
C TYR B 73 5.52 -18.58 -7.82
N LEU B 74 4.62 -17.96 -7.07
CA LEU B 74 3.19 -18.30 -7.07
C LEU B 74 2.57 -16.94 -7.35
N SER B 75 1.87 -16.81 -8.46
CA SER B 75 1.29 -15.51 -8.79
C SER B 75 0.20 -15.51 -9.83
N VAL B 76 -0.46 -14.35 -9.94
CA VAL B 76 -1.49 -14.13 -10.95
C VAL B 76 -0.63 -13.69 -12.13
N TYR B 77 -0.65 -14.49 -13.18
CA TYR B 77 0.17 -14.28 -14.37
C TYR B 77 -0.67 -14.10 -15.63
N GLY B 78 -0.21 -13.26 -16.56
CA GLY B 78 -0.96 -13.04 -17.77
C GLY B 78 -0.28 -12.15 -18.79
N TRP B 79 -0.97 -11.95 -19.91
CA TRP B 79 -0.47 -11.14 -21.00
C TRP B 79 -1.50 -10.17 -21.55
N SER B 80 -0.99 -9.16 -22.25
CA SER B 80 -1.79 -8.16 -22.90
C SER B 80 -1.19 -8.02 -24.30
N ARG B 81 -2.00 -7.56 -25.24
CA ARG B 81 -1.57 -7.36 -26.62
C ARG B 81 -1.91 -5.92 -26.96
N ASN B 82 -1.05 -5.29 -27.76
CA ASN B 82 -1.26 -3.90 -28.19
C ASN B 82 -1.57 -2.98 -27.02
N PRO B 83 -0.58 -2.71 -26.16
CA PRO B 83 0.80 -3.21 -26.23
C PRO B 83 1.00 -4.62 -25.68
N LEU B 84 2.09 -5.25 -26.11
CA LEU B 84 2.46 -6.58 -25.65
C LEU B 84 3.07 -6.38 -24.27
N ILE B 85 2.40 -6.92 -23.26
CA ILE B 85 2.83 -6.77 -21.88
C ILE B 85 2.71 -8.09 -21.14
N GLU B 86 3.71 -8.41 -20.33
CA GLU B 86 3.69 -9.61 -19.51
C GLU B 86 3.63 -9.09 -18.09
N TYR B 87 2.67 -9.56 -17.30
CA TYR B 87 2.55 -9.09 -15.94
C TYR B 87 2.50 -10.19 -14.90
N TYR B 88 2.94 -9.84 -13.69
CA TYR B 88 2.99 -10.75 -12.55
C TYR B 88 2.51 -10.06 -11.28
N ILE B 89 1.63 -10.73 -10.54
CA ILE B 89 1.16 -10.23 -9.26
C ILE B 89 1.59 -11.38 -8.34
N VAL B 90 2.82 -11.28 -7.84
CA VAL B 90 3.42 -12.31 -7.00
C VAL B 90 2.92 -12.34 -5.56
N GLU B 91 2.34 -13.47 -5.17
CA GLU B 91 1.79 -13.67 -3.84
C GLU B 91 2.72 -14.41 -2.89
N ASN B 92 3.62 -15.21 -3.46
CA ASN B 92 4.56 -16.00 -2.68
C ASN B 92 5.71 -16.42 -3.59
N PHE B 93 6.91 -16.51 -3.02
CA PHE B 93 8.08 -16.92 -3.80
C PHE B 93 9.10 -17.64 -2.93
N GLY B 94 9.99 -18.38 -3.59
CA GLY B 94 11.01 -19.13 -2.88
C GLY B 94 12.23 -18.34 -2.40
N THR B 95 13.40 -18.83 -2.76
CA THR B 95 14.66 -18.23 -2.36
C THR B 95 15.10 -17.00 -3.15
N TYR B 96 14.43 -16.73 -4.26
CA TYR B 96 14.81 -15.59 -5.09
C TYR B 96 13.68 -14.58 -5.27
N ASN B 97 13.99 -13.31 -5.05
CA ASN B 97 13.01 -12.25 -5.24
C ASN B 97 13.00 -11.96 -6.74
N PRO B 98 11.86 -12.21 -7.40
CA PRO B 98 11.65 -12.00 -8.84
C PRO B 98 11.84 -10.56 -9.31
N SER B 99 11.80 -9.62 -8.38
CA SER B 99 11.95 -8.20 -8.73
C SER B 99 13.39 -7.73 -8.67
N THR B 100 14.29 -8.63 -8.33
CA THR B 100 15.71 -8.31 -8.26
C THR B 100 16.18 -7.95 -9.67
N GLY B 101 16.72 -6.75 -9.84
CA GLY B 101 17.19 -6.33 -11.15
C GLY B 101 16.18 -5.51 -11.95
N ALA B 102 14.94 -5.47 -11.49
CA ALA B 102 13.90 -4.68 -12.16
C ALA B 102 13.88 -3.30 -11.51
N THR B 103 13.31 -2.32 -12.19
CA THR B 103 13.25 -0.96 -11.67
C THR B 103 11.98 -0.73 -10.84
N LYS B 104 12.14 -0.31 -9.60
CA LYS B 104 10.99 -0.05 -8.73
C LYS B 104 10.32 1.27 -9.11
N LEU B 105 9.01 1.22 -9.25
CA LEU B 105 8.22 2.38 -9.63
C LEU B 105 7.40 2.96 -8.48
N GLY B 106 7.06 2.12 -7.51
CA GLY B 106 6.27 2.58 -6.39
C GLY B 106 5.72 1.45 -5.54
N GLU B 107 4.67 1.76 -4.77
CA GLU B 107 4.04 0.78 -3.88
C GLU B 107 2.53 0.97 -3.89
N VAL B 108 1.81 -0.13 -3.71
CA VAL B 108 0.36 -0.10 -3.67
C VAL B 108 -0.13 -1.07 -2.59
N THR B 109 -1.17 -0.69 -1.86
CA THR B 109 -1.72 -1.54 -0.82
C THR B 109 -2.95 -2.24 -1.38
N SER B 110 -3.03 -3.54 -1.20
CA SER B 110 -4.17 -4.28 -1.70
C SER B 110 -4.31 -5.63 -1.03
N ASP B 111 -5.55 -6.01 -0.75
CA ASP B 111 -5.87 -7.29 -0.13
C ASP B 111 -5.02 -7.65 1.09
N GLY B 112 -4.90 -6.69 2.02
CA GLY B 112 -4.16 -6.93 3.24
C GLY B 112 -2.64 -6.85 3.23
N SER B 113 -2.05 -6.30 2.18
CA SER B 113 -0.61 -6.19 2.13
C SER B 113 -0.12 -5.12 1.17
N VAL B 114 1.09 -4.65 1.41
CA VAL B 114 1.71 -3.65 0.56
C VAL B 114 2.39 -4.47 -0.52
N TYR B 115 2.40 -3.94 -1.73
CA TYR B 115 3.04 -4.59 -2.87
C TYR B 115 4.01 -3.58 -3.46
N ASP B 116 5.21 -4.04 -3.79
CA ASP B 116 6.20 -3.19 -4.42
C ASP B 116 6.02 -3.39 -5.92
N ILE B 117 6.00 -2.29 -6.66
CA ILE B 117 5.80 -2.33 -8.12
C ILE B 117 7.10 -2.13 -8.89
N TYR B 118 7.32 -2.99 -9.89
CA TYR B 118 8.53 -2.93 -10.71
C TYR B 118 8.19 -3.06 -12.18
N ARG B 119 9.14 -2.67 -13.02
CA ARG B 119 8.99 -2.76 -14.45
C ARG B 119 10.36 -3.02 -15.04
N THR B 120 10.40 -3.82 -16.10
CA THR B 120 11.65 -4.13 -16.77
C THR B 120 11.31 -4.53 -18.19
N GLN B 121 12.23 -4.29 -19.11
CA GLN B 121 12.00 -4.66 -20.50
C GLN B 121 12.71 -5.96 -20.82
N ARG B 122 12.05 -6.79 -21.63
CA ARG B 122 12.58 -8.06 -22.07
C ARG B 122 12.83 -7.93 -23.56
N VAL B 123 14.08 -8.02 -23.97
CA VAL B 123 14.43 -7.87 -25.38
C VAL B 123 14.59 -9.20 -26.10
N ASN B 124 13.83 -9.36 -27.17
CA ASN B 124 13.84 -10.57 -27.99
C ASN B 124 13.73 -11.86 -27.17
N GLN B 125 12.68 -11.93 -26.36
CA GLN B 125 12.42 -13.08 -25.51
C GLN B 125 11.15 -13.77 -25.98
N PRO B 126 10.95 -15.04 -25.56
CA PRO B 126 9.74 -15.78 -25.95
C PRO B 126 8.51 -15.07 -25.39
N SER B 127 7.42 -15.10 -26.13
CA SER B 127 6.17 -14.47 -25.71
C SER B 127 5.01 -15.20 -26.37
N ILE B 128 3.79 -14.70 -26.15
CA ILE B 128 2.61 -15.33 -26.74
C ILE B 128 2.49 -15.13 -28.25
N ILE B 129 3.36 -14.30 -28.81
CA ILE B 129 3.37 -14.02 -30.25
C ILE B 129 4.72 -14.45 -30.85
N GLY B 130 5.50 -15.19 -30.07
CA GLY B 130 6.79 -15.64 -30.53
C GLY B 130 7.88 -14.77 -29.92
N THR B 131 9.07 -14.81 -30.48
CA THR B 131 10.18 -14.00 -29.99
C THR B 131 9.86 -12.53 -30.25
N ALA B 132 9.80 -11.74 -29.18
CA ALA B 132 9.48 -10.32 -29.29
C ALA B 132 10.06 -9.52 -28.14
N THR B 133 9.88 -8.20 -28.20
CA THR B 133 10.36 -7.30 -27.16
C THR B 133 9.13 -6.69 -26.48
N PHE B 134 9.13 -6.72 -25.16
CA PHE B 134 8.00 -6.21 -24.40
C PHE B 134 8.39 -5.82 -22.99
N TYR B 135 7.48 -5.11 -22.31
CA TYR B 135 7.68 -4.71 -20.94
C TYR B 135 7.05 -5.75 -20.04
N GLN B 136 7.65 -5.92 -18.87
CA GLN B 136 7.23 -6.87 -17.86
C GLN B 136 6.90 -6.08 -16.59
N TYR B 137 5.64 -6.14 -16.16
CA TYR B 137 5.20 -5.42 -14.97
C TYR B 137 5.08 -6.36 -13.77
N TRP B 138 5.52 -5.91 -12.61
CA TRP B 138 5.48 -6.73 -11.41
C TRP B 138 4.87 -6.04 -10.21
N SER B 139 4.16 -6.83 -9.41
CA SER B 139 3.57 -6.38 -8.16
C SER B 139 3.95 -7.50 -7.22
N VAL B 140 4.90 -7.23 -6.32
CA VAL B 140 5.39 -8.24 -5.39
C VAL B 140 4.88 -8.03 -3.96
N ARG B 141 4.06 -8.95 -3.49
CA ARG B 141 3.47 -8.89 -2.14
C ARG B 141 4.52 -9.01 -1.05
N ARG B 142 4.43 -8.15 -0.04
CA ARG B 142 5.38 -8.19 1.06
C ARG B 142 5.05 -9.32 2.03
N ASN B 143 3.76 -9.50 2.33
CA ASN B 143 3.32 -10.54 3.24
C ASN B 143 2.92 -11.77 2.44
N HIS B 144 3.86 -12.69 2.22
CA HIS B 144 3.60 -13.90 1.45
C HIS B 144 2.43 -14.73 1.98
N ARG B 145 1.70 -15.35 1.06
CA ARG B 145 0.55 -16.19 1.40
C ARG B 145 0.32 -17.21 0.28
N SER B 146 -0.35 -18.31 0.61
CA SER B 146 -0.64 -19.36 -0.36
C SER B 146 -2.13 -19.51 -0.62
N SER B 147 -2.91 -18.60 -0.05
CA SER B 147 -4.36 -18.60 -0.22
C SER B 147 -4.87 -17.18 -0.02
N GLY B 148 -5.91 -16.82 -0.76
CA GLY B 148 -6.47 -15.49 -0.63
C GLY B 148 -7.23 -15.05 -1.86
N SER B 149 -7.50 -13.75 -1.94
CA SER B 149 -8.21 -13.17 -3.07
C SER B 149 -7.37 -12.02 -3.58
N VAL B 150 -7.30 -11.87 -4.90
CA VAL B 150 -6.55 -10.79 -5.50
C VAL B 150 -7.47 -9.94 -6.36
N ASN B 151 -7.59 -8.67 -6.00
CA ASN B 151 -8.41 -7.75 -6.77
C ASN B 151 -7.44 -7.20 -7.81
N THR B 152 -7.50 -7.75 -9.01
CA THR B 152 -6.60 -7.34 -10.09
C THR B 152 -6.71 -5.87 -10.47
N ALA B 153 -7.91 -5.31 -10.35
CA ALA B 153 -8.12 -3.91 -10.69
C ALA B 153 -7.20 -2.98 -9.92
N ASN B 154 -6.94 -3.31 -8.65
CA ASN B 154 -6.07 -2.50 -7.81
C ASN B 154 -4.66 -2.40 -8.36
N HIS B 155 -4.19 -3.49 -8.96
CA HIS B 155 -2.86 -3.52 -9.54
C HIS B 155 -2.82 -2.85 -10.89
N PHE B 156 -3.82 -3.12 -11.72
CA PHE B 156 -3.90 -2.52 -13.05
C PHE B 156 -4.01 -1.00 -12.98
N ASN B 157 -4.66 -0.49 -11.94
CA ASN B 157 -4.80 0.96 -11.76
C ASN B 157 -3.50 1.55 -11.27
N ALA B 158 -2.81 0.82 -10.41
CA ALA B 158 -1.53 1.26 -9.88
C ALA B 158 -0.53 1.35 -11.03
N TRP B 159 -0.53 0.33 -11.89
CA TRP B 159 0.39 0.27 -13.02
C TRP B 159 0.05 1.36 -14.03
N ALA B 160 -1.24 1.67 -14.15
CA ALA B 160 -1.73 2.70 -15.07
C ALA B 160 -1.20 4.07 -14.64
N GLN B 161 -1.07 4.28 -13.33
CA GLN B 161 -0.56 5.53 -12.79
C GLN B 161 0.93 5.67 -13.13
N GLN B 162 1.59 4.56 -13.42
CA GLN B 162 3.00 4.55 -13.75
C GLN B 162 3.27 4.57 -15.25
N GLY B 163 2.22 4.53 -16.06
CA GLY B 163 2.40 4.55 -17.50
C GLY B 163 2.00 3.32 -18.27
N LEU B 164 1.38 2.35 -17.62
CA LEU B 164 0.93 1.15 -18.31
C LEU B 164 -0.45 1.38 -18.92
N THR B 165 -0.59 1.02 -20.19
CA THR B 165 -1.88 1.17 -20.84
C THR B 165 -2.24 -0.12 -21.54
N LEU B 166 -2.76 -1.08 -20.76
CA LEU B 166 -3.14 -2.39 -21.26
C LEU B 166 -4.10 -2.33 -22.45
N GLY B 167 -3.89 -3.23 -23.41
CA GLY B 167 -4.74 -3.26 -24.59
C GLY B 167 -5.72 -4.42 -24.50
N THR B 168 -5.55 -5.39 -25.39
CA THR B 168 -6.38 -6.58 -25.43
C THR B 168 -5.82 -7.62 -24.49
N MET B 169 -6.58 -7.98 -23.47
CA MET B 169 -6.15 -8.98 -22.50
C MET B 169 -6.16 -10.38 -23.11
N ASP B 170 -5.07 -11.11 -22.92
CA ASP B 170 -4.99 -12.48 -23.41
C ASP B 170 -5.30 -13.34 -22.16
N TYR B 171 -4.60 -14.45 -21.94
CA TYR B 171 -4.91 -15.25 -20.77
C TYR B 171 -4.52 -14.63 -19.43
N GLN B 172 -5.13 -15.15 -18.38
CA GLN B 172 -4.92 -14.67 -17.02
C GLN B 172 -5.11 -15.87 -16.10
N ILE B 173 -4.02 -16.37 -15.53
CA ILE B 173 -4.05 -17.54 -14.67
C ILE B 173 -3.32 -17.37 -13.34
N VAL B 174 -3.55 -18.32 -12.44
CA VAL B 174 -2.84 -18.34 -11.16
C VAL B 174 -1.82 -19.42 -11.50
N ALA B 175 -0.55 -19.02 -11.56
CA ALA B 175 0.50 -19.94 -11.96
C ALA B 175 1.67 -20.14 -11.01
N VAL B 176 2.26 -21.31 -11.11
CA VAL B 176 3.43 -21.66 -10.35
C VAL B 176 4.57 -21.67 -11.39
N GLU B 177 5.61 -20.90 -11.11
CA GLU B 177 6.76 -20.85 -12.00
C GLU B 177 7.95 -21.35 -11.22
N GLY B 178 8.84 -22.05 -11.90
CA GLY B 178 10.02 -22.56 -11.24
C GLY B 178 11.22 -22.30 -12.11
N TYR B 179 12.37 -22.09 -11.47
CA TYR B 179 13.60 -21.84 -12.20
C TYR B 179 14.74 -22.67 -11.61
N PHE B 180 15.01 -23.80 -12.25
CA PHE B 180 16.08 -24.72 -11.84
C PHE B 180 16.04 -25.02 -10.33
N SER B 181 14.89 -25.51 -9.88
CA SER B 181 14.71 -25.82 -8.47
C SER B 181 13.86 -27.08 -8.29
N SER B 182 13.30 -27.23 -7.10
CA SER B 182 12.44 -28.35 -6.76
C SER B 182 11.29 -27.81 -5.92
N GLY B 183 10.26 -28.64 -5.73
CA GLY B 183 9.14 -28.21 -4.92
C GLY B 183 7.87 -28.95 -5.29
N SER B 184 6.77 -28.55 -4.67
CA SER B 184 5.47 -29.15 -4.93
C SER B 184 4.41 -28.11 -4.65
N ALA B 185 3.30 -28.21 -5.37
CA ALA B 185 2.20 -27.28 -5.18
C ALA B 185 0.91 -27.90 -5.68
N SER B 186 -0.19 -27.51 -5.04
CA SER B 186 -1.51 -27.99 -5.39
C SER B 186 -2.37 -26.75 -5.17
N ILE B 187 -2.78 -26.12 -6.26
CA ILE B 187 -3.56 -24.89 -6.15
C ILE B 187 -4.92 -25.00 -6.81
N THR B 188 -5.92 -24.39 -6.18
CA THR B 188 -7.27 -24.37 -6.71
C THR B 188 -7.68 -22.92 -6.95
N VAL B 189 -8.12 -22.63 -8.17
CA VAL B 189 -8.54 -21.28 -8.55
C VAL B 189 -10.06 -21.21 -8.65
N SER B 190 -10.60 -20.02 -8.44
CA SER B 190 -12.04 -19.78 -8.53
C SER B 190 -12.30 -18.29 -8.70
#